data_4JML
#
_entry.id   4JML
#
_cell.length_a   40.089
_cell.length_b   81.420
_cell.length_c   126.437
_cell.angle_alpha   90.000
_cell.angle_beta   90.000
_cell.angle_gamma   90.000
#
_symmetry.space_group_name_H-M   'P 21 21 21'
#
loop_
_entity.id
_entity.type
_entity.pdbx_description
1 polymer 'Protein TolB'
2 polymer Colicin-E9
3 non-polymer 'CALCIUM ION'
4 water water
#
loop_
_entity_poly.entity_id
_entity_poly.type
_entity_poly.pdbx_seq_one_letter_code
_entity_poly.pdbx_strand_id
1 'polypeptide(L)'
;MVRIVIDSGVDSGRPIGVVPFQWAGPGAAPEDIGGIVAADLRNSGKFNPLDRARLPQQPGSAQEVQPAAWSALGIDAVVV
GQVTPNPDGSYNVAYQLVDTGGAPGTVLAQNSYKVNKQWLRYAGHTASDEVFEKLTGIKGAFRTRIAYVVQTNGGQFPYE
LRVSDYDGYNQFVVHRSPQCLMSPAWSPDGSKLAYVTFESGRSALVIQTLANGAVRQVASFPRHNGAPAFSPDGSKLAFA
LSKTGSLNLYVMDLASGQIRQVTDGRSNNTEPTWFPDSQNLAFTSDQAGRPQVYKVNINGGAPQRITWEGSQNQDADVSS
DGKFMVMVSSNGGQQHIAKQDLATGGVQVLSSTFLDETPSLAPNGTMVIYSSSQGMGSVLNLVSTDGRFKARLPATDGQV
KFPAWSPYLLEHHHHHH
;
A
2 'polypeptide(L)' GCSDGSGWSSENNPWG E
#
loop_
_chem_comp.id
_chem_comp.type
_chem_comp.name
_chem_comp.formula
CA non-polymer 'CALCIUM ION' 'Ca 2'
#
# COMPACT_ATOMS: atom_id res chain seq x y z
N SER A 12 -13.99 -13.78 10.71
CA SER A 12 -14.87 -12.69 11.22
C SER A 12 -14.99 -11.57 10.15
N GLY A 13 -15.42 -10.38 10.56
CA GLY A 13 -15.85 -9.37 9.62
C GLY A 13 -17.38 -9.47 9.44
N ARG A 14 -17.95 -8.39 8.97
CA ARG A 14 -19.36 -8.28 8.74
C ARG A 14 -19.82 -9.16 7.59
N PRO A 15 -20.80 -10.05 7.85
CA PRO A 15 -21.23 -10.85 6.71
C PRO A 15 -21.99 -10.02 5.68
N ILE A 16 -21.79 -10.28 4.40
CA ILE A 16 -22.47 -9.49 3.41
C ILE A 16 -22.72 -10.43 2.22
N GLY A 17 -23.82 -10.22 1.51
CA GLY A 17 -24.05 -11.02 0.30
C GLY A 17 -23.58 -10.37 -0.95
N VAL A 18 -22.73 -11.01 -1.72
CA VAL A 18 -22.34 -10.41 -2.99
C VAL A 18 -22.76 -11.36 -4.15
N VAL A 19 -23.74 -10.95 -4.97
CA VAL A 19 -24.29 -11.90 -5.98
C VAL A 19 -23.61 -11.69 -7.32
N PRO A 20 -23.27 -12.79 -8.05
CA PRO A 20 -22.85 -12.64 -9.46
C PRO A 20 -23.74 -11.71 -10.23
N PHE A 21 -23.16 -10.86 -11.05
CA PHE A 21 -23.94 -9.84 -11.71
C PHE A 21 -24.67 -10.46 -12.91
N GLN A 22 -25.84 -9.92 -13.24
CA GLN A 22 -26.59 -10.38 -14.38
C GLN A 22 -25.87 -10.00 -15.67
N TRP A 23 -25.72 -10.97 -16.58
CA TRP A 23 -25.06 -10.79 -17.90
C TRP A 23 -26.04 -10.66 -19.09
N ALA A 28 -20.40 -16.07 -22.03
CA ALA A 28 -19.95 -15.68 -20.70
C ALA A 28 -19.71 -14.18 -20.59
N ALA A 29 -19.84 -13.65 -19.38
CA ALA A 29 -19.63 -12.23 -19.17
C ALA A 29 -18.15 -11.98 -19.37
N PRO A 30 -17.77 -10.80 -19.84
CA PRO A 30 -16.36 -10.45 -20.07
C PRO A 30 -15.49 -10.42 -18.80
N GLU A 31 -16.11 -10.18 -17.63
CA GLU A 31 -15.42 -10.15 -16.34
CA GLU A 31 -15.42 -10.15 -16.33
C GLU A 31 -16.43 -10.51 -15.23
N ASP A 32 -15.95 -11.06 -14.12
CA ASP A 32 -16.82 -11.44 -12.98
C ASP A 32 -16.80 -10.28 -11.97
N ILE A 33 -17.76 -9.37 -12.14
CA ILE A 33 -17.70 -8.09 -11.42
C ILE A 33 -18.00 -8.38 -9.94
N GLY A 34 -18.99 -9.25 -9.72
CA GLY A 34 -19.40 -9.64 -8.37
C GLY A 34 -18.23 -10.24 -7.60
N GLY A 35 -17.41 -11.05 -8.29
CA GLY A 35 -16.21 -11.62 -7.68
C GLY A 35 -15.14 -10.60 -7.28
N ILE A 36 -15.02 -9.51 -8.03
CA ILE A 36 -14.06 -8.47 -7.68
C ILE A 36 -14.53 -7.73 -6.42
N VAL A 37 -15.84 -7.50 -6.33
CA VAL A 37 -16.43 -6.81 -5.22
C VAL A 37 -16.25 -7.59 -3.93
N ALA A 38 -16.58 -8.86 -3.98
CA ALA A 38 -16.34 -9.79 -2.88
C ALA A 38 -14.85 -9.81 -2.46
N ALA A 39 -13.95 -9.90 -3.41
CA ALA A 39 -12.54 -9.97 -3.08
C ALA A 39 -12.07 -8.67 -2.46
N ASP A 40 -12.57 -7.51 -2.96
CA ASP A 40 -12.21 -6.23 -2.41
C ASP A 40 -12.66 -6.13 -0.97
N LEU A 41 -13.94 -6.36 -0.75
CA LEU A 41 -14.52 -6.26 0.59
C LEU A 41 -13.81 -7.23 1.58
N ARG A 42 -13.46 -8.41 1.14
CA ARG A 42 -12.78 -9.38 2.02
CA ARG A 42 -12.76 -9.41 1.96
C ARG A 42 -11.38 -8.87 2.37
N ASN A 43 -10.66 -8.34 1.41
CA ASN A 43 -9.28 -7.85 1.58
C ASN A 43 -9.17 -6.76 2.66
N SER A 44 -10.26 -6.02 2.82
CA SER A 44 -10.34 -4.95 3.78
C SER A 44 -10.34 -5.46 5.22
N GLY A 45 -10.66 -6.76 5.42
CA GLY A 45 -10.87 -7.27 6.77
C GLY A 45 -12.22 -7.01 7.38
N LYS A 46 -12.97 -6.08 6.81
CA LYS A 46 -14.14 -5.59 7.45
C LYS A 46 -15.38 -6.41 7.08
N PHE A 47 -15.25 -7.28 6.06
CA PHE A 47 -16.40 -7.98 5.53
C PHE A 47 -16.04 -9.43 5.31
N ASN A 48 -17.08 -10.27 5.31
CA ASN A 48 -16.99 -11.67 4.98
C ASN A 48 -18.09 -11.99 4.01
N PRO A 49 -17.85 -11.79 2.72
CA PRO A 49 -18.83 -12.04 1.70
C PRO A 49 -19.18 -13.54 1.71
N LEU A 50 -20.49 -13.86 1.61
CA LEU A 50 -20.92 -15.26 1.69
C LEU A 50 -20.35 -16.08 0.55
N ASP A 51 -19.76 -17.23 0.87
CA ASP A 51 -19.31 -18.21 -0.16
CA ASP A 51 -19.31 -18.20 -0.16
C ASP A 51 -20.33 -18.36 -1.27
N ARG A 52 -19.89 -18.24 -2.53
CA ARG A 52 -20.83 -18.29 -3.68
C ARG A 52 -21.73 -19.56 -3.71
N ALA A 53 -21.18 -20.70 -3.31
CA ALA A 53 -21.90 -21.96 -3.24
C ALA A 53 -22.98 -21.99 -2.18
N ARG A 54 -22.98 -21.04 -1.25
CA ARG A 54 -23.99 -21.02 -0.16
C ARG A 54 -25.02 -19.90 -0.27
N LEU A 55 -25.03 -19.23 -1.41
CA LEU A 55 -26.03 -18.19 -1.60
C LEU A 55 -27.42 -18.77 -1.57
N PRO A 56 -28.32 -18.12 -0.83
CA PRO A 56 -29.68 -18.64 -0.78
C PRO A 56 -30.44 -18.47 -2.11
N GLN A 57 -30.02 -17.50 -2.95
CA GLN A 57 -30.56 -17.20 -4.31
C GLN A 57 -29.54 -16.37 -5.06
N GLN A 58 -29.75 -16.20 -6.36
CA GLN A 58 -28.99 -15.29 -7.20
C GLN A 58 -29.89 -14.25 -7.89
N PRO A 59 -30.49 -13.36 -7.09
CA PRO A 59 -31.27 -12.30 -7.70
C PRO A 59 -30.43 -11.45 -8.62
N GLY A 60 -30.97 -11.16 -9.81
CA GLY A 60 -30.37 -10.24 -10.78
C GLY A 60 -30.80 -8.79 -10.68
N SER A 61 -31.59 -8.47 -9.69
CA SER A 61 -32.12 -7.12 -9.58
C SER A 61 -32.59 -6.96 -8.16
N ALA A 62 -32.77 -5.71 -7.76
CA ALA A 62 -33.20 -5.38 -6.41
C ALA A 62 -34.58 -5.98 -6.08
N GLN A 63 -35.51 -5.86 -7.00
CA GLN A 63 -36.84 -6.53 -6.86
C GLN A 63 -36.78 -8.02 -6.58
N GLU A 64 -35.85 -8.73 -7.19
CA GLU A 64 -35.78 -10.20 -6.96
C GLU A 64 -35.16 -10.60 -5.60
N VAL A 65 -34.64 -9.65 -4.82
CA VAL A 65 -34.00 -10.00 -3.55
C VAL A 65 -35.10 -10.40 -2.54
N GLN A 66 -34.89 -11.52 -1.87
CA GLN A 66 -35.78 -11.99 -0.80
C GLN A 66 -35.13 -11.76 0.56
N PRO A 67 -35.48 -10.66 1.24
CA PRO A 67 -34.65 -10.32 2.36
C PRO A 67 -34.57 -11.36 3.43
N ALA A 68 -35.71 -12.01 3.70
CA ALA A 68 -35.79 -12.98 4.76
C ALA A 68 -34.77 -14.11 4.59
N ALA A 69 -34.48 -14.50 3.37
CA ALA A 69 -33.53 -15.63 3.15
C ALA A 69 -32.05 -15.25 3.45
N TRP A 70 -31.77 -13.94 3.38
CA TRP A 70 -30.45 -13.42 3.71
C TRP A 70 -30.36 -13.05 5.20
N SER A 71 -31.40 -12.39 5.73
CA SER A 71 -31.44 -12.18 7.18
C SER A 71 -31.41 -13.50 7.96
N ALA A 72 -32.00 -14.59 7.47
CA ALA A 72 -31.83 -15.91 8.19
C ALA A 72 -30.36 -16.34 8.36
N LEU A 73 -29.52 -16.01 7.40
CA LEU A 73 -28.11 -16.32 7.43
C LEU A 73 -27.23 -15.24 8.09
N GLY A 74 -27.80 -14.22 8.73
CA GLY A 74 -27.02 -13.20 9.40
C GLY A 74 -26.48 -12.09 8.49
N ILE A 75 -27.07 -11.99 7.30
CA ILE A 75 -26.76 -10.99 6.32
C ILE A 75 -27.80 -9.89 6.25
N ASP A 76 -27.34 -8.66 6.47
CA ASP A 76 -28.22 -7.50 6.41
C ASP A 76 -28.05 -6.59 5.18
N ALA A 77 -27.14 -6.95 4.27
CA ALA A 77 -27.05 -6.22 2.98
C ALA A 77 -26.59 -7.15 1.87
N VAL A 78 -27.05 -6.86 0.68
CA VAL A 78 -26.79 -7.68 -0.50
C VAL A 78 -26.46 -6.81 -1.68
N VAL A 79 -25.36 -7.12 -2.38
CA VAL A 79 -24.99 -6.45 -3.61
C VAL A 79 -25.47 -7.28 -4.82
N VAL A 80 -26.30 -6.67 -5.66
CA VAL A 80 -26.67 -7.26 -6.94
C VAL A 80 -26.28 -6.27 -8.02
N GLY A 81 -26.27 -6.76 -9.25
CA GLY A 81 -26.00 -5.91 -10.38
C GLY A 81 -26.14 -6.60 -11.74
N GLN A 82 -25.84 -5.77 -12.73
CA GLN A 82 -26.02 -6.03 -14.14
C GLN A 82 -24.84 -5.50 -14.94
N VAL A 83 -24.41 -6.32 -15.88
CA VAL A 83 -23.47 -5.93 -16.92
C VAL A 83 -24.19 -6.11 -18.26
N THR A 84 -24.30 -5.03 -19.05
CA THR A 84 -24.91 -5.12 -20.40
C THR A 84 -23.96 -4.56 -21.48
N PRO A 85 -23.92 -5.20 -22.67
CA PRO A 85 -23.09 -4.73 -23.81
C PRO A 85 -23.70 -3.56 -24.54
N ASN A 86 -22.87 -2.60 -24.94
CA ASN A 86 -23.35 -1.51 -25.75
C ASN A 86 -23.01 -1.86 -27.19
N PRO A 87 -23.83 -1.39 -28.15
CA PRO A 87 -23.59 -1.72 -29.56
C PRO A 87 -22.18 -1.31 -30.04
N ASP A 88 -21.58 -0.27 -29.48
CA ASP A 88 -20.20 0.14 -29.80
C ASP A 88 -19.13 -0.68 -29.07
N GLY A 89 -19.51 -1.78 -28.42
CA GLY A 89 -18.55 -2.66 -27.77
C GLY A 89 -18.18 -2.31 -26.34
N SER A 90 -18.61 -1.14 -25.84
CA SER A 90 -18.47 -0.80 -24.41
C SER A 90 -19.55 -1.54 -23.59
N TYR A 91 -19.49 -1.41 -22.26
CA TYR A 91 -20.40 -2.13 -21.33
C TYR A 91 -20.95 -1.15 -20.32
N ASN A 92 -22.19 -1.40 -19.92
CA ASN A 92 -22.82 -0.69 -18.84
C ASN A 92 -22.69 -1.61 -17.62
N VAL A 93 -22.18 -1.05 -16.51
CA VAL A 93 -22.04 -1.77 -15.21
C VAL A 93 -22.86 -1.01 -14.19
N ALA A 94 -23.77 -1.74 -13.55
CA ALA A 94 -24.65 -1.17 -12.51
C ALA A 94 -24.67 -2.11 -11.35
N TYR A 95 -24.82 -1.52 -10.14
CA TYR A 95 -24.94 -2.27 -8.92
C TYR A 95 -26.05 -1.63 -8.10
N GLN A 96 -26.72 -2.43 -7.29
CA GLN A 96 -27.58 -1.90 -6.26
C GLN A 96 -27.24 -2.62 -4.96
N LEU A 97 -27.25 -1.87 -3.86
CA LEU A 97 -27.03 -2.42 -2.55
C LEU A 97 -28.35 -2.42 -1.86
N VAL A 98 -28.83 -3.64 -1.54
CA VAL A 98 -30.18 -3.84 -1.02
C VAL A 98 -30.13 -4.20 0.44
N ASP A 99 -30.83 -3.43 1.26
CA ASP A 99 -31.03 -3.71 2.66
C ASP A 99 -31.82 -5.04 2.89
N THR A 100 -31.28 -5.92 3.76
CA THR A 100 -31.96 -7.15 4.19
C THR A 100 -31.96 -7.22 5.71
N GLY A 101 -32.04 -6.04 6.34
CA GLY A 101 -32.02 -5.94 7.81
C GLY A 101 -33.22 -5.13 8.27
N GLY A 102 -32.97 -3.89 8.67
CA GLY A 102 -34.00 -3.05 9.27
C GLY A 102 -34.96 -2.37 8.29
N ALA A 103 -34.61 -2.30 7.02
CA ALA A 103 -35.43 -1.58 6.01
C ALA A 103 -35.53 -2.42 4.73
N PRO A 104 -36.03 -3.67 4.88
CA PRO A 104 -35.82 -4.74 3.91
C PRO A 104 -36.29 -4.39 2.51
N GLY A 105 -35.49 -4.69 1.50
CA GLY A 105 -35.85 -4.34 0.16
C GLY A 105 -35.49 -2.95 -0.27
N THR A 106 -35.15 -2.08 0.67
CA THR A 106 -34.67 -0.72 0.35
C THR A 106 -33.30 -0.74 -0.36
N VAL A 107 -33.12 0.16 -1.32
CA VAL A 107 -31.84 0.32 -1.99
C VAL A 107 -31.04 1.38 -1.26
N LEU A 108 -29.90 1.00 -0.70
CA LEU A 108 -29.11 1.88 0.10
C LEU A 108 -28.18 2.74 -0.73
N ALA A 109 -27.79 2.23 -1.88
CA ALA A 109 -26.86 2.91 -2.74
C ALA A 109 -26.94 2.23 -4.06
N GLN A 110 -26.61 2.96 -5.10
CA GLN A 110 -26.61 2.35 -6.44
C GLN A 110 -25.92 3.25 -7.40
N ASN A 111 -25.53 2.71 -8.54
CA ASN A 111 -24.82 3.55 -9.54
C ASN A 111 -24.77 2.77 -10.79
N SER A 112 -24.46 3.46 -11.89
CA SER A 112 -24.39 2.81 -13.20
C SER A 112 -23.50 3.68 -14.02
N TYR A 113 -22.69 3.03 -14.84
CA TYR A 113 -21.65 3.73 -15.59
C TYR A 113 -21.19 2.85 -16.73
N LYS A 114 -20.60 3.53 -17.72
CA LYS A 114 -20.32 2.94 -19.01
C LYS A 114 -18.82 2.76 -19.05
N VAL A 115 -18.31 1.57 -19.32
CA VAL A 115 -16.84 1.40 -19.45
C VAL A 115 -16.43 0.56 -20.65
N ASN A 116 -15.25 0.86 -21.18
CA ASN A 116 -14.60 -0.04 -22.14
C ASN A 116 -14.04 -1.25 -21.43
N LYS A 117 -13.99 -2.36 -22.15
CA LYS A 117 -13.54 -3.67 -21.63
C LYS A 117 -12.31 -3.67 -20.71
N GLN A 118 -11.33 -2.81 -21.00
CA GLN A 118 -10.13 -2.74 -20.18
C GLN A 118 -10.39 -2.00 -18.86
N TRP A 119 -11.59 -1.43 -18.68
CA TRP A 119 -11.90 -0.70 -17.44
C TRP A 119 -12.98 -1.44 -16.64
N LEU A 120 -13.18 -2.70 -16.99
CA LEU A 120 -14.09 -3.55 -16.26
C LEU A 120 -13.65 -3.80 -14.80
N ARG A 121 -12.35 -4.02 -14.54
CA ARG A 121 -11.94 -4.28 -13.17
C ARG A 121 -12.20 -3.01 -12.38
N TYR A 122 -11.91 -1.88 -13.03
CA TYR A 122 -12.10 -0.58 -12.44
C TYR A 122 -13.59 -0.31 -12.09
N ALA A 123 -14.50 -0.68 -13.00
CA ALA A 123 -15.94 -0.65 -12.74
C ALA A 123 -16.26 -1.43 -11.45
N GLY A 124 -15.70 -2.63 -11.32
CA GLY A 124 -15.87 -3.41 -10.04
C GLY A 124 -15.33 -2.71 -8.81
N HIS A 125 -14.12 -2.14 -8.92
CA HIS A 125 -13.52 -1.45 -7.81
C HIS A 125 -14.33 -0.19 -7.40
N THR A 126 -14.96 0.44 -8.39
CA THR A 126 -15.85 1.57 -8.05
C THR A 126 -17.02 1.13 -7.17
N ALA A 127 -17.66 0.05 -7.58
CA ALA A 127 -18.79 -0.52 -6.83
C ALA A 127 -18.37 -0.87 -5.39
N SER A 128 -17.19 -1.51 -5.25
CA SER A 128 -16.71 -1.88 -3.98
C SER A 128 -16.49 -0.63 -3.13
N ASP A 129 -15.90 0.40 -3.76
CA ASP A 129 -15.54 1.62 -3.02
C ASP A 129 -16.82 2.22 -2.50
N GLU A 130 -17.84 2.23 -3.32
CA GLU A 130 -19.08 2.92 -2.86
C GLU A 130 -19.84 2.10 -1.81
N VAL A 131 -19.90 0.78 -2.02
CA VAL A 131 -20.56 -0.10 -1.02
C VAL A 131 -19.82 -0.05 0.33
N PHE A 132 -18.48 -0.04 0.25
CA PHE A 132 -17.62 0.01 1.41
C PHE A 132 -17.85 1.30 2.24
N GLU A 133 -17.90 2.42 1.55
CA GLU A 133 -18.03 3.68 2.23
C GLU A 133 -19.46 3.84 2.83
N LYS A 134 -20.45 3.45 2.07
CA LYS A 134 -21.84 3.45 2.55
C LYS A 134 -22.01 2.69 3.83
N LEU A 135 -21.49 1.47 3.87
CA LEU A 135 -21.59 0.63 5.05
C LEU A 135 -20.59 0.84 6.18
N THR A 136 -19.43 1.43 5.93
CA THR A 136 -18.46 1.70 7.05
C THR A 136 -18.24 3.17 7.38
N GLY A 137 -18.58 4.06 6.46
CA GLY A 137 -18.21 5.46 6.61
C GLY A 137 -16.75 5.78 6.35
N ILE A 138 -15.98 4.78 5.88
CA ILE A 138 -14.56 4.97 5.58
C ILE A 138 -14.46 5.03 4.06
N LYS A 139 -13.72 6.01 3.54
CA LYS A 139 -13.44 6.09 2.09
C LYS A 139 -12.77 4.81 1.57
N GLY A 140 -13.19 4.34 0.40
CA GLY A 140 -12.67 3.17 -0.22
C GLY A 140 -11.31 3.38 -0.87
N ALA A 141 -10.51 2.31 -0.88
CA ALA A 141 -9.20 2.38 -1.50
C ALA A 141 -9.01 1.33 -2.60
N PHE A 142 -10.09 0.83 -3.18
CA PHE A 142 -9.99 -0.26 -4.13
C PHE A 142 -9.59 0.17 -5.52
N ARG A 143 -9.71 1.47 -5.83
CA ARG A 143 -9.18 2.02 -7.08
C ARG A 143 -7.75 2.54 -6.95
N THR A 144 -7.03 2.23 -5.89
CA THR A 144 -5.68 2.78 -5.72
C THR A 144 -4.65 1.86 -6.36
N ARG A 145 -3.39 2.29 -6.32
CA ARG A 145 -2.30 1.56 -7.00
C ARG A 145 -1.15 1.32 -6.06
N ILE A 146 -0.32 0.34 -6.41
CA ILE A 146 0.97 0.12 -5.77
C ILE A 146 2.13 0.26 -6.73
N ALA A 147 3.27 0.72 -6.21
CA ALA A 147 4.52 0.76 -6.98
C ALA A 147 5.45 -0.22 -6.33
N TYR A 148 6.34 -0.77 -7.10
CA TYR A 148 7.30 -1.74 -6.61
C TYR A 148 8.41 -2.02 -7.60
N VAL A 149 9.45 -2.70 -7.14
CA VAL A 149 10.64 -2.98 -7.98
C VAL A 149 10.74 -4.45 -8.21
N VAL A 150 10.91 -4.85 -9.46
CA VAL A 150 11.10 -6.27 -9.78
C VAL A 150 12.47 -6.45 -10.37
N GLN A 151 13.21 -7.42 -9.84
CA GLN A 151 14.46 -7.89 -10.45
C GLN A 151 14.13 -9.15 -11.26
N THR A 152 14.20 -8.99 -12.58
CA THR A 152 13.88 -10.07 -13.52
C THR A 152 15.12 -10.84 -13.81
N ASN A 153 14.93 -11.84 -14.67
CA ASN A 153 16.01 -12.66 -15.14
C ASN A 153 16.49 -12.18 -16.52
N GLY A 154 16.04 -11.00 -16.96
CA GLY A 154 16.59 -10.38 -18.17
C GLY A 154 17.99 -9.87 -17.92
N GLY A 155 18.84 -9.91 -18.92
CA GLY A 155 20.23 -9.58 -18.69
C GLY A 155 20.49 -8.08 -18.67
N GLN A 156 20.00 -7.38 -19.67
CA GLN A 156 20.45 -6.00 -19.85
C GLN A 156 19.84 -4.96 -18.90
N PHE A 157 18.55 -5.12 -18.64
CA PHE A 157 17.83 -4.20 -17.77
C PHE A 157 17.14 -5.06 -16.71
N PRO A 158 17.89 -5.71 -15.83
CA PRO A 158 17.23 -6.57 -14.89
C PRO A 158 16.25 -5.91 -13.89
N TYR A 159 16.27 -4.60 -13.72
CA TYR A 159 15.49 -3.95 -12.65
C TYR A 159 14.42 -3.14 -13.31
N GLU A 160 13.18 -3.35 -12.85
CA GLU A 160 12.04 -2.58 -13.33
C GLU A 160 11.29 -1.96 -12.19
N LEU A 161 11.02 -0.68 -12.30
CA LEU A 161 10.08 -0.04 -11.38
C LEU A 161 8.75 -0.20 -12.11
N ARG A 162 7.77 -0.81 -11.47
CA ARG A 162 6.46 -1.09 -12.01
C ARG A 162 5.34 -0.55 -11.13
N VAL A 163 4.14 -0.42 -11.70
CA VAL A 163 2.97 0.00 -10.99
C VAL A 163 1.88 -1.01 -11.33
N SER A 164 1.01 -1.30 -10.37
CA SER A 164 -0.20 -2.09 -10.69
C SER A 164 -1.35 -1.57 -9.87
N ASP A 165 -2.54 -2.12 -10.12
CA ASP A 165 -3.64 -1.96 -9.19
C ASP A 165 -3.22 -2.51 -7.85
N TYR A 166 -3.88 -2.07 -6.78
CA TYR A 166 -3.48 -2.52 -5.39
C TYR A 166 -3.52 -4.07 -5.29
N ASP A 167 -4.39 -4.71 -6.04
CA ASP A 167 -4.57 -6.17 -5.92
C ASP A 167 -3.73 -6.92 -6.92
N GLY A 168 -2.84 -6.23 -7.60
CA GLY A 168 -1.86 -6.90 -8.43
C GLY A 168 -2.15 -7.01 -9.90
N TYR A 169 -3.37 -6.68 -10.35
CA TYR A 169 -3.70 -6.69 -11.76
C TYR A 169 -3.31 -5.42 -12.47
N ASN A 170 -3.21 -5.49 -13.80
CA ASN A 170 -3.01 -4.30 -14.66
C ASN A 170 -1.65 -3.63 -14.42
N GLN A 171 -0.66 -4.46 -14.33
CA GLN A 171 0.71 -3.98 -14.13
C GLN A 171 1.25 -3.23 -15.37
N PHE A 172 2.08 -2.23 -15.17
CA PHE A 172 2.84 -1.64 -16.28
C PHE A 172 4.21 -1.15 -15.80
N VAL A 173 5.16 -0.97 -16.72
CA VAL A 173 6.55 -0.58 -16.40
C VAL A 173 6.70 0.90 -16.48
N VAL A 174 7.30 1.48 -15.46
CA VAL A 174 7.58 2.89 -15.37
C VAL A 174 9.05 3.14 -15.75
N HIS A 175 9.98 2.28 -15.37
CA HIS A 175 11.36 2.46 -15.73
C HIS A 175 12.09 1.14 -15.69
N ARG A 176 12.96 0.89 -16.69
CA ARG A 176 13.88 -0.27 -16.63
C ARG A 176 15.29 0.21 -16.46
N SER A 177 16.11 -0.55 -15.76
CA SER A 177 17.47 -0.06 -15.49
C SER A 177 18.41 -1.23 -15.51
N PRO A 178 19.65 -0.99 -15.96
CA PRO A 178 20.66 -2.01 -15.87
C PRO A 178 21.18 -2.12 -14.46
N GLN A 179 20.82 -1.19 -13.59
CA GLN A 179 21.34 -1.24 -12.25
C GLN A 179 20.20 -1.18 -11.21
N CYS A 180 20.55 -1.57 -10.02
CA CYS A 180 19.68 -1.59 -8.86
C CYS A 180 18.75 -0.33 -8.72
N LEU A 181 17.46 -0.57 -8.49
CA LEU A 181 16.51 0.46 -8.01
C LEU A 181 16.02 0.10 -6.62
N MET A 182 15.70 1.12 -5.84
CA MET A 182 15.18 0.94 -4.47
C MET A 182 14.11 1.98 -4.15
N SER A 183 13.25 1.62 -3.19
CA SER A 183 12.51 2.51 -2.37
C SER A 183 11.64 3.57 -3.12
N PRO A 184 10.72 3.13 -4.01
CA PRO A 184 9.91 4.18 -4.61
C PRO A 184 8.97 4.86 -3.62
N ALA A 185 8.55 6.08 -3.96
CA ALA A 185 7.62 6.81 -3.12
C ALA A 185 6.74 7.73 -4.00
N TRP A 186 5.45 7.72 -3.72
CA TRP A 186 4.47 8.46 -4.52
C TRP A 186 4.36 9.88 -4.07
N SER A 187 4.22 10.81 -5.01
CA SER A 187 3.73 12.13 -4.64
C SER A 187 2.28 12.07 -4.19
N PRO A 188 1.88 13.02 -3.32
CA PRO A 188 0.51 12.94 -2.80
C PRO A 188 -0.56 13.11 -3.85
N ASP A 189 -0.21 13.68 -5.00
CA ASP A 189 -1.19 13.86 -6.02
C ASP A 189 -1.23 12.65 -6.95
N GLY A 190 -0.36 11.69 -6.69
CA GLY A 190 -0.29 10.48 -7.45
C GLY A 190 0.33 10.55 -8.83
N SER A 191 0.96 11.67 -9.17
CA SER A 191 1.47 11.89 -10.55
C SER A 191 2.95 11.56 -10.68
N LYS A 192 3.68 11.43 -9.58
CA LYS A 192 5.11 11.18 -9.69
C LYS A 192 5.58 10.07 -8.77
N LEU A 193 6.67 9.44 -9.14
CA LEU A 193 7.36 8.51 -8.22
C LEU A 193 8.77 8.98 -7.98
N ALA A 194 9.13 9.18 -6.71
CA ALA A 194 10.54 9.29 -6.35
C ALA A 194 11.19 7.91 -6.15
N TYR A 195 12.50 7.80 -6.43
CA TYR A 195 13.20 6.54 -6.21
C TYR A 195 14.69 6.66 -6.23
N VAL A 196 15.32 5.62 -5.70
CA VAL A 196 16.78 5.45 -5.76
C VAL A 196 17.23 4.68 -7.01
N THR A 197 18.17 5.27 -7.77
CA THR A 197 18.80 4.56 -8.88
C THR A 197 20.34 4.55 -8.82
N PHE A 198 20.90 3.41 -9.19
CA PHE A 198 22.34 3.19 -9.25
C PHE A 198 22.83 3.17 -10.73
N GLU A 199 22.00 3.62 -11.66
CA GLU A 199 22.34 3.71 -13.08
C GLU A 199 23.61 4.56 -13.40
N SER A 200 23.90 5.59 -12.62
CA SER A 200 25.12 6.37 -12.86
C SER A 200 26.38 5.63 -12.39
N GLY A 201 26.23 4.48 -11.74
CA GLY A 201 27.39 3.81 -11.17
C GLY A 201 27.45 4.03 -9.67
N ARG A 202 26.64 4.93 -9.17
CA ARG A 202 26.45 5.07 -7.76
C ARG A 202 25.05 5.63 -7.52
N SER A 203 24.68 5.80 -6.25
CA SER A 203 23.29 6.10 -5.95
C SER A 203 22.96 7.51 -6.32
N ALA A 204 21.75 7.70 -6.78
CA ALA A 204 21.17 9.02 -7.04
C ALA A 204 19.66 8.93 -6.70
N LEU A 205 19.11 10.05 -6.28
CA LEU A 205 17.69 10.17 -6.03
C LEU A 205 17.06 10.97 -7.14
N VAL A 206 15.95 10.44 -7.71
CA VAL A 206 15.27 11.07 -8.86
C VAL A 206 13.78 11.03 -8.64
N ILE A 207 13.05 11.95 -9.26
CA ILE A 207 11.57 11.97 -9.30
C ILE A 207 11.09 11.86 -10.75
N GLN A 208 10.30 10.82 -11.06
CA GLN A 208 9.87 10.61 -12.41
C GLN A 208 8.39 10.93 -12.52
N THR A 209 8.00 11.72 -13.52
CA THR A 209 6.62 12.05 -13.76
C THR A 209 6.00 10.91 -14.54
N LEU A 210 4.92 10.31 -14.03
CA LEU A 210 4.46 9.08 -14.67
C LEU A 210 3.88 9.30 -16.07
N ALA A 211 3.16 10.40 -16.28
CA ALA A 211 2.42 10.58 -17.55
C ALA A 211 3.33 10.63 -18.78
N ASN A 212 4.50 11.25 -18.64
CA ASN A 212 5.47 11.41 -19.74
C ASN A 212 6.88 10.84 -19.51
N GLY A 213 7.13 10.21 -18.36
CA GLY A 213 8.45 9.70 -18.08
C GLY A 213 9.56 10.71 -17.84
N ALA A 214 9.27 11.99 -17.75
CA ALA A 214 10.33 12.93 -17.49
C ALA A 214 10.94 12.68 -16.08
N VAL A 215 12.26 12.80 -15.99
CA VAL A 215 13.05 12.64 -14.77
C VAL A 215 13.71 13.91 -14.24
N ARG A 216 13.40 14.29 -13.01
CA ARG A 216 14.10 15.36 -12.29
C ARG A 216 15.16 14.73 -11.43
N GLN A 217 16.40 15.23 -11.51
CA GLN A 217 17.49 14.77 -10.66
C GLN A 217 17.39 15.50 -9.32
N VAL A 218 17.34 14.77 -8.20
CA VAL A 218 17.09 15.43 -6.91
C VAL A 218 18.42 15.55 -6.18
N ALA A 219 19.23 14.49 -6.18
CA ALA A 219 20.43 14.48 -5.36
C ALA A 219 21.34 13.34 -5.71
N SER A 220 22.64 13.63 -5.76
CA SER A 220 23.63 12.56 -5.89
C SER A 220 24.90 12.95 -5.17
N PHE A 221 24.79 13.01 -3.86
CA PHE A 221 25.90 13.42 -3.03
C PHE A 221 26.81 12.24 -2.91
N PRO A 222 28.02 12.47 -2.41
CA PRO A 222 28.86 11.30 -2.17
C PRO A 222 28.22 10.27 -1.25
N ARG A 223 28.54 9.02 -1.53
CA ARG A 223 28.03 7.84 -0.80
C ARG A 223 26.51 7.72 -1.00
N HIS A 224 25.74 7.45 0.06
CA HIS A 224 24.34 7.06 -0.14
C HIS A 224 23.25 8.18 -0.20
N ASN A 225 22.39 8.10 -1.20
CA ASN A 225 21.26 9.01 -1.38
C ASN A 225 20.08 8.03 -1.45
N GLY A 226 19.21 8.04 -0.45
CA GLY A 226 18.15 7.04 -0.39
C GLY A 226 16.85 7.34 0.31
N ALA A 227 15.94 6.37 0.22
CA ALA A 227 14.74 6.28 1.06
C ALA A 227 13.85 7.54 1.04
N PRO A 228 13.45 7.96 -0.16
CA PRO A 228 12.60 9.15 -0.25
C PRO A 228 11.16 9.02 0.31
N ALA A 229 10.58 10.15 0.74
CA ALA A 229 9.17 10.28 1.05
C ALA A 229 8.68 11.72 0.77
N PHE A 230 7.57 11.84 0.08
CA PHE A 230 6.93 13.15 -0.17
C PHE A 230 6.06 13.55 1.01
N SER A 231 6.14 14.80 1.45
CA SER A 231 5.21 15.33 2.48
C SER A 231 3.78 15.27 1.95
N PRO A 232 2.78 15.07 2.83
CA PRO A 232 1.41 15.06 2.37
C PRO A 232 0.91 16.31 1.69
N ASP A 233 1.38 17.48 2.14
CA ASP A 233 0.97 18.78 1.53
C ASP A 233 1.69 19.01 0.19
N GLY A 234 2.62 18.14 -0.22
CA GLY A 234 3.15 18.20 -1.57
C GLY A 234 4.38 19.12 -1.69
N SER A 235 4.76 19.80 -0.61
CA SER A 235 5.84 20.81 -0.68
C SER A 235 7.25 20.30 -0.51
N LYS A 236 7.43 19.16 0.14
CA LYS A 236 8.76 18.70 0.53
C LYS A 236 9.00 17.21 0.15
N LEU A 237 10.28 16.89 0.01
CA LEU A 237 10.77 15.52 -0.12
C LEU A 237 11.73 15.28 1.00
N ALA A 238 11.46 14.27 1.86
CA ALA A 238 12.46 13.80 2.85
C ALA A 238 13.26 12.64 2.31
N PHE A 239 14.50 12.47 2.78
CA PHE A 239 15.33 11.37 2.33
C PHE A 239 16.55 11.27 3.23
N ALA A 240 17.38 10.26 2.96
CA ALA A 240 18.57 10.01 3.75
C ALA A 240 19.83 10.17 2.93
N LEU A 241 20.83 10.87 3.47
CA LEU A 241 22.21 10.95 2.86
C LEU A 241 23.27 10.42 3.79
N SER A 242 24.29 9.73 3.27
CA SER A 242 25.42 9.36 4.13
C SER A 242 26.73 10.13 3.86
N LYS A 243 26.63 11.25 3.16
CA LYS A 243 27.86 12.02 2.83
C LYS A 243 28.70 12.36 4.06
N THR A 244 28.06 12.65 5.19
CA THR A 244 28.76 13.02 6.41
C THR A 244 29.57 11.90 7.07
N GLY A 245 29.46 10.67 6.62
CA GLY A 245 30.07 9.56 7.37
C GLY A 245 29.07 8.53 7.88
N SER A 246 27.82 8.98 8.12
CA SER A 246 26.73 8.08 8.46
C SER A 246 25.42 8.62 7.90
N LEU A 247 24.39 7.79 7.87
CA LEU A 247 23.11 8.17 7.26
C LEU A 247 22.42 9.17 8.18
N ASN A 248 21.96 10.26 7.59
CA ASN A 248 21.20 11.26 8.32
C ASN A 248 20.15 11.79 7.42
N LEU A 249 19.13 12.39 7.98
CA LEU A 249 17.99 12.82 7.26
C LEU A 249 18.11 14.25 6.83
N TYR A 250 17.55 14.51 5.65
CA TYR A 250 17.52 15.83 4.98
C TYR A 250 16.13 16.00 4.35
N VAL A 251 15.76 17.25 4.11
CA VAL A 251 14.51 17.60 3.47
CA VAL A 251 14.49 17.61 3.45
C VAL A 251 14.77 18.65 2.39
N MET A 252 14.15 18.48 1.23
CA MET A 252 14.22 19.43 0.14
CA MET A 252 14.23 19.45 0.17
C MET A 252 12.88 20.14 0.00
N ASP A 253 12.92 21.48 -0.05
CA ASP A 253 11.76 22.27 -0.46
C ASP A 253 11.64 22.10 -1.96
N LEU A 254 10.57 21.51 -2.46
CA LEU A 254 10.55 21.12 -3.87
C LEU A 254 10.50 22.33 -4.82
N ALA A 255 9.87 23.42 -4.36
CA ALA A 255 9.75 24.66 -5.17
C ALA A 255 11.10 25.33 -5.41
N SER A 256 11.89 25.49 -4.36
CA SER A 256 13.19 26.16 -4.42
C SER A 256 14.32 25.23 -4.76
N GLY A 257 14.19 23.95 -4.47
CA GLY A 257 15.31 23.03 -4.60
C GLY A 257 16.21 23.08 -3.43
N GLN A 258 15.88 23.86 -2.41
CA GLN A 258 16.76 24.00 -1.23
C GLN A 258 16.68 22.82 -0.27
N ILE A 259 17.84 22.46 0.27
CA ILE A 259 18.00 21.32 1.18
C ILE A 259 18.45 21.74 2.55
N ARG A 260 17.73 21.28 3.57
CA ARG A 260 18.15 21.37 4.97
C ARG A 260 18.50 20.01 5.60
N GLN A 261 19.40 20.02 6.56
CA GLN A 261 19.80 18.82 7.29
C GLN A 261 18.86 18.73 8.47
N VAL A 262 18.34 17.54 8.76
CA VAL A 262 17.37 17.33 9.83
C VAL A 262 17.98 16.58 11.01
N THR A 263 18.80 15.55 10.74
CA THR A 263 19.45 14.83 11.83
C THR A 263 20.92 15.03 11.63
N ASP A 264 21.66 15.10 12.71
CA ASP A 264 23.10 15.26 12.65
C ASP A 264 23.61 14.45 13.82
N GLY A 265 24.39 13.46 13.53
CA GLY A 265 24.85 12.58 14.58
C GLY A 265 25.63 11.49 13.91
N ARG A 266 26.34 10.73 14.73
CA ARG A 266 27.24 9.72 14.25
C ARG A 266 26.45 8.42 13.94
N SER A 267 25.22 8.32 14.43
CA SER A 267 24.38 7.13 14.25
C SER A 267 23.85 7.11 12.82
N ASN A 268 23.22 6.00 12.41
CA ASN A 268 22.53 5.90 11.12
C ASN A 268 21.01 6.09 11.29
N ASN A 269 20.46 6.98 10.48
CA ASN A 269 19.12 7.43 10.55
C ASN A 269 18.61 7.43 9.12
N THR A 270 17.56 6.67 8.88
CA THR A 270 17.04 6.49 7.55
C THR A 270 15.57 6.07 7.59
N GLU A 271 15.03 5.78 6.42
CA GLU A 271 13.61 5.39 6.27
C GLU A 271 12.60 6.36 6.82
N PRO A 272 12.70 7.65 6.44
CA PRO A 272 11.69 8.61 6.92
C PRO A 272 10.29 8.34 6.37
N THR A 273 9.29 8.59 7.21
CA THR A 273 7.90 8.64 6.80
C THR A 273 7.25 9.89 7.44
N TRP A 274 6.31 10.53 6.75
CA TRP A 274 5.67 11.77 7.28
C TRP A 274 4.48 11.57 8.22
N PHE A 275 4.38 12.42 9.24
CA PHE A 275 3.12 12.61 9.97
C PHE A 275 2.20 13.50 9.11
N PRO A 276 0.90 13.44 9.37
CA PRO A 276 -0.08 14.24 8.53
C PRO A 276 0.18 15.74 8.41
N ASP A 277 0.83 16.34 9.41
CA ASP A 277 1.06 17.80 9.44
C ASP A 277 2.17 18.24 8.47
N SER A 278 2.83 17.34 7.74
CA SER A 278 3.94 17.78 6.90
C SER A 278 5.05 18.54 7.66
N GLN A 279 5.20 18.32 8.95
CA GLN A 279 6.31 18.95 9.72
C GLN A 279 7.15 17.96 10.54
N ASN A 280 6.61 16.78 10.82
CA ASN A 280 7.31 15.77 11.61
C ASN A 280 7.49 14.50 10.78
N LEU A 281 8.63 13.84 11.00
CA LEU A 281 8.98 12.54 10.45
C LEU A 281 9.10 11.49 11.55
N ALA A 282 8.66 10.28 11.28
CA ALA A 282 9.19 9.09 11.96
C ALA A 282 10.26 8.50 11.10
N PHE A 283 11.23 7.82 11.73
CA PHE A 283 12.32 7.29 11.02
C PHE A 283 13.02 6.23 11.84
N THR A 284 13.86 5.49 11.18
CA THR A 284 14.59 4.41 11.83
C THR A 284 16.01 4.87 12.22
N SER A 285 16.38 4.56 13.44
CA SER A 285 17.72 4.92 13.93
C SER A 285 18.35 3.77 14.64
N ASP A 286 19.68 3.65 14.51
CA ASP A 286 20.44 2.72 15.34
C ASP A 286 21.09 3.42 16.55
N GLN A 287 20.66 4.63 16.85
CA GLN A 287 21.16 5.40 18.00
C GLN A 287 21.15 4.64 19.33
N ALA A 288 20.20 3.74 19.57
CA ALA A 288 20.12 3.03 20.85
C ALA A 288 20.70 1.62 20.76
N GLY A 289 21.40 1.32 19.67
CA GLY A 289 21.89 -0.07 19.44
C GLY A 289 21.10 -0.72 18.32
N ARG A 290 20.23 -1.65 18.64
CA ARG A 290 19.36 -2.26 17.64
C ARG A 290 18.35 -1.21 17.11
N PRO A 291 17.92 -1.37 15.85
CA PRO A 291 17.03 -0.35 15.27
C PRO A 291 15.75 -0.12 16.10
N GLN A 292 15.38 1.15 16.19
CA GLN A 292 14.14 1.60 16.77
C GLN A 292 13.60 2.77 15.97
N VAL A 293 12.33 3.14 16.17
CA VAL A 293 11.70 4.26 15.46
C VAL A 293 11.69 5.49 16.36
N TYR A 294 12.04 6.62 15.76
CA TYR A 294 12.15 7.94 16.38
C TYR A 294 11.23 8.93 15.64
N LYS A 295 10.86 9.99 16.31
CA LYS A 295 10.10 11.09 15.70
C LYS A 295 10.92 12.42 15.83
N VAL A 296 10.97 13.25 14.78
CA VAL A 296 11.65 14.51 14.85
C VAL A 296 10.94 15.53 13.99
N ASN A 297 10.96 16.79 14.48
CA ASN A 297 10.54 17.96 13.71
C ASN A 297 11.56 18.32 12.65
N ILE A 298 11.11 18.63 11.44
CA ILE A 298 12.08 19.01 10.45
C ILE A 298 12.76 20.36 10.74
N ASN A 299 12.25 21.12 11.73
CA ASN A 299 12.82 22.46 12.13
C ASN A 299 13.61 22.35 13.42
N GLY A 300 12.91 22.42 14.56
CA GLY A 300 13.57 22.18 15.85
C GLY A 300 14.00 20.73 15.92
N GLY A 301 15.31 20.49 15.84
CA GLY A 301 15.84 19.13 15.70
C GLY A 301 16.37 18.51 16.97
N ALA A 302 15.74 17.42 17.43
CA ALA A 302 16.16 16.66 18.61
C ALA A 302 15.35 15.34 18.68
N PRO A 303 15.89 14.19 18.23
CA PRO A 303 14.94 13.08 18.01
C PRO A 303 14.35 12.42 19.28
N GLN A 304 13.08 12.06 19.26
CA GLN A 304 12.46 11.35 20.38
C GLN A 304 12.15 9.89 20.00
N ARG A 305 12.59 8.95 20.84
CA ARG A 305 12.32 7.54 20.63
C ARG A 305 10.86 7.28 20.90
N ILE A 306 10.21 6.58 19.98
CA ILE A 306 8.82 6.22 20.17
C ILE A 306 8.45 4.74 20.23
N THR A 307 9.38 3.85 19.94
CA THR A 307 9.08 2.39 20.03
C THR A 307 9.81 1.79 21.20
N TRP A 308 9.02 1.21 22.10
CA TRP A 308 9.54 0.60 23.31
C TRP A 308 9.15 -0.84 23.52
N GLU A 309 8.30 -1.38 22.67
CA GLU A 309 8.04 -2.84 22.70
C GLU A 309 9.02 -3.69 21.90
N GLY A 310 9.09 -4.95 22.27
CA GLY A 310 9.92 -5.88 21.53
C GLY A 310 11.38 -5.66 21.84
N SER A 311 12.27 -6.08 20.94
CA SER A 311 13.68 -5.73 21.04
C SER A 311 14.17 -4.93 19.85
N GLN A 312 13.37 -4.84 18.78
CA GLN A 312 13.76 -4.09 17.60
C GLN A 312 12.54 -3.58 16.84
N ASN A 313 12.62 -2.35 16.30
CA ASN A 313 11.49 -1.85 15.47
C ASN A 313 11.99 -0.91 14.38
N GLN A 314 11.44 -1.04 13.20
CA GLN A 314 12.01 -0.36 12.06
C GLN A 314 11.08 -0.25 10.88
N ASP A 315 11.43 0.63 9.96
CA ASP A 315 10.80 0.82 8.66
C ASP A 315 9.32 1.16 8.71
N ALA A 316 9.03 2.33 9.29
CA ALA A 316 7.65 2.63 9.68
C ALA A 316 6.89 3.37 8.61
N ASP A 317 5.57 3.26 8.66
CA ASP A 317 4.68 4.05 7.80
C ASP A 317 3.54 4.58 8.66
N VAL A 318 3.36 5.90 8.77
CA VAL A 318 2.40 6.46 9.68
C VAL A 318 1.08 6.53 8.91
N SER A 319 -0.04 6.24 9.56
CA SER A 319 -1.31 6.35 8.88
C SER A 319 -1.65 7.78 8.53
N SER A 320 -2.63 7.92 7.64
CA SER A 320 -2.94 9.23 7.10
C SER A 320 -3.68 10.11 8.08
N ASP A 321 -4.30 9.50 9.10
CA ASP A 321 -4.91 10.21 10.25
C ASP A 321 -3.99 10.43 11.45
N GLY A 322 -2.76 9.93 11.40
CA GLY A 322 -1.78 10.08 12.48
C GLY A 322 -2.05 9.27 13.75
N LYS A 323 -3.07 8.45 13.73
CA LYS A 323 -3.41 7.65 14.90
C LYS A 323 -2.55 6.40 15.13
N PHE A 324 -2.01 5.80 14.07
CA PHE A 324 -1.10 4.67 14.22
C PHE A 324 -0.03 4.64 13.16
N MET A 325 0.91 3.72 13.34
CA MET A 325 1.87 3.39 12.31
C MET A 325 2.02 1.89 12.20
N VAL A 326 2.50 1.45 11.05
CA VAL A 326 2.95 0.08 10.86
C VAL A 326 4.47 0.08 10.70
N MET A 327 5.06 -1.08 10.96
CA MET A 327 6.50 -1.25 11.02
C MET A 327 6.86 -2.72 11.09
N VAL A 328 8.18 -2.96 11.06
CA VAL A 328 8.69 -4.30 11.20
C VAL A 328 9.17 -4.39 12.64
N SER A 329 8.51 -5.25 13.42
CA SER A 329 8.78 -5.38 14.84
C SER A 329 9.31 -6.80 15.20
N SER A 330 10.28 -6.82 16.10
CA SER A 330 10.92 -8.07 16.59
C SER A 330 10.66 -8.20 18.07
N ASN A 331 9.99 -9.25 18.47
CA ASN A 331 9.93 -9.60 19.88
C ASN A 331 10.22 -11.08 20.04
N GLY A 332 11.39 -11.35 20.63
CA GLY A 332 11.81 -12.73 20.88
C GLY A 332 11.92 -13.48 19.57
N GLY A 333 12.84 -13.04 18.73
CA GLY A 333 13.23 -13.78 17.57
C GLY A 333 12.39 -13.56 16.34
N GLN A 334 11.08 -13.37 16.48
CA GLN A 334 10.19 -13.24 15.32
CA GLN A 334 10.22 -13.24 15.30
C GLN A 334 10.09 -11.79 14.82
N GLN A 335 10.48 -11.55 13.55
CA GLN A 335 10.25 -10.24 12.89
CA GLN A 335 10.26 -10.26 12.92
C GLN A 335 8.95 -10.35 12.12
N HIS A 336 8.00 -9.43 12.36
CA HIS A 336 6.72 -9.46 11.63
C HIS A 336 6.23 -8.01 11.39
N ILE A 337 5.27 -7.82 10.48
CA ILE A 337 4.60 -6.53 10.36
C ILE A 337 3.77 -6.30 11.63
N ALA A 338 3.98 -5.17 12.30
CA ALA A 338 3.15 -4.85 13.45
C ALA A 338 2.54 -3.43 13.31
N LYS A 339 1.51 -3.16 14.11
CA LYS A 339 0.80 -1.87 14.16
C LYS A 339 0.94 -1.32 15.58
N GLN A 340 1.37 -0.04 15.73
CA GLN A 340 1.52 0.65 17.04
C GLN A 340 0.60 1.87 17.10
N ASP A 341 -0.27 1.92 18.12
CA ASP A 341 -1.11 3.10 18.40
CA ASP A 341 -1.12 3.09 18.38
C ASP A 341 -0.18 4.19 18.84
N LEU A 342 -0.23 5.33 18.19
CA LEU A 342 0.74 6.35 18.47
C LEU A 342 0.44 7.15 19.75
N ALA A 343 -0.79 7.07 20.24
CA ALA A 343 -1.15 7.71 21.51
C ALA A 343 -1.21 6.78 22.73
N THR A 344 -0.75 5.52 22.62
CA THR A 344 -0.78 4.53 23.74
CA THR A 344 -0.76 4.59 23.75
C THR A 344 0.50 3.70 23.83
N GLY A 345 1.18 3.52 22.71
CA GLY A 345 2.30 2.59 22.70
C GLY A 345 1.89 1.14 22.50
N GLY A 346 0.58 0.86 22.47
CA GLY A 346 0.05 -0.45 22.22
C GLY A 346 0.39 -1.05 20.87
N VAL A 347 1.01 -2.25 20.87
CA VAL A 347 1.47 -2.92 19.66
C VAL A 347 0.64 -4.18 19.33
N GLN A 348 0.16 -4.33 18.11
CA GLN A 348 -0.48 -5.58 17.64
C GLN A 348 0.28 -6.14 16.44
N VAL A 349 0.67 -7.40 16.54
CA VAL A 349 1.34 -8.09 15.44
C VAL A 349 0.33 -8.41 14.35
N LEU A 350 0.57 -8.06 13.06
CA LEU A 350 -0.38 -8.34 11.99
C LEU A 350 -0.07 -9.57 11.11
N SER A 351 1.17 -9.72 10.69
CA SER A 351 1.56 -10.77 9.75
C SER A 351 2.13 -11.98 10.46
N SER A 352 2.05 -13.13 9.80
CA SER A 352 2.60 -14.40 10.33
C SER A 352 3.51 -15.15 9.33
N THR A 353 3.81 -14.53 8.18
CA THR A 353 4.71 -15.06 7.12
C THR A 353 6.20 -14.94 7.56
N PHE A 354 7.14 -15.36 6.71
CA PHE A 354 8.60 -15.30 7.02
C PHE A 354 9.24 -14.17 6.24
N LEU A 355 10.33 -13.64 6.82
CA LEU A 355 11.12 -12.55 6.31
C LEU A 355 10.28 -11.33 5.93
N ASP A 356 9.36 -10.95 6.80
CA ASP A 356 8.45 -9.80 6.59
C ASP A 356 9.21 -8.46 6.54
N GLU A 357 8.99 -7.67 5.50
CA GLU A 357 9.78 -6.44 5.29
C GLU A 357 8.94 -5.35 4.63
N THR A 358 9.40 -4.12 4.76
CA THR A 358 8.90 -2.96 4.00
C THR A 358 7.36 -2.84 3.87
N PRO A 359 6.66 -2.57 4.98
CA PRO A 359 5.22 -2.36 4.89
C PRO A 359 4.81 -1.00 4.34
N SER A 360 3.62 -0.89 3.72
CA SER A 360 3.11 0.41 3.25
C SER A 360 1.62 0.38 3.40
N LEU A 361 1.03 1.46 3.91
CA LEU A 361 -0.40 1.47 4.26
C LEU A 361 -1.27 2.01 3.13
N ALA A 362 -2.45 1.39 2.93
CA ALA A 362 -3.44 1.96 2.03
C ALA A 362 -3.83 3.39 2.55
N PRO A 363 -4.30 4.26 1.65
CA PRO A 363 -4.65 5.65 2.03
C PRO A 363 -5.81 5.76 3.02
N ASN A 364 -6.60 4.71 3.21
CA ASN A 364 -7.65 4.72 4.24
C ASN A 364 -7.23 3.92 5.48
N GLY A 365 -5.95 3.53 5.56
CA GLY A 365 -5.46 2.84 6.74
C GLY A 365 -5.99 1.41 7.00
N THR A 366 -6.71 0.78 6.08
CA THR A 366 -7.41 -0.51 6.34
C THR A 366 -6.60 -1.74 5.89
N MET A 367 -5.62 -1.54 5.00
CA MET A 367 -4.77 -2.64 4.44
C MET A 367 -3.28 -2.23 4.40
N VAL A 368 -2.41 -3.24 4.56
CA VAL A 368 -0.94 -3.14 4.50
C VAL A 368 -0.42 -4.05 3.37
N ILE A 369 0.42 -3.49 2.50
CA ILE A 369 1.14 -4.29 1.56
C ILE A 369 2.60 -4.36 2.03
N TYR A 370 3.18 -5.54 1.90
CA TYR A 370 4.52 -5.79 2.37
C TYR A 370 5.17 -6.98 1.56
N SER A 371 6.49 -7.16 1.74
CA SER A 371 7.20 -8.25 1.11
C SER A 371 7.57 -9.39 2.12
N SER A 372 7.60 -10.63 1.64
CA SER A 372 7.89 -11.82 2.46
C SER A 372 8.62 -12.92 1.61
N SER A 373 8.90 -14.09 2.23
CA SER A 373 9.37 -15.37 1.56
C SER A 373 8.36 -16.14 0.72
N GLN A 374 7.07 -15.79 0.84
CA GLN A 374 6.05 -16.40 -0.04
C GLN A 374 6.63 -16.35 -1.48
N GLY A 375 6.58 -17.48 -2.20
CA GLY A 375 7.03 -17.55 -3.58
C GLY A 375 8.54 -17.31 -3.69
N MET A 376 9.30 -17.47 -2.60
CA MET A 376 10.77 -17.24 -2.60
CA MET A 376 10.75 -17.21 -2.57
C MET A 376 11.15 -15.81 -3.09
N GLY A 377 10.37 -14.79 -2.71
CA GLY A 377 10.65 -13.38 -3.07
C GLY A 377 9.76 -12.85 -4.17
N SER A 378 9.05 -13.74 -4.89
CA SER A 378 8.33 -13.37 -6.12
C SER A 378 6.90 -12.86 -5.91
N VAL A 379 6.48 -12.76 -4.64
CA VAL A 379 5.11 -12.43 -4.23
C VAL A 379 5.12 -11.28 -3.17
N LEU A 380 4.21 -10.33 -3.34
CA LEU A 380 3.86 -9.36 -2.32
C LEU A 380 2.68 -9.99 -1.60
N ASN A 381 2.47 -9.53 -0.39
CA ASN A 381 1.34 -9.94 0.48
C ASN A 381 0.58 -8.72 0.99
N LEU A 382 -0.73 -8.92 1.20
CA LEU A 382 -1.66 -8.05 1.85
C LEU A 382 -2.02 -8.58 3.22
N VAL A 383 -2.15 -7.69 4.19
CA VAL A 383 -2.76 -7.98 5.49
C VAL A 383 -3.66 -6.84 5.89
N SER A 384 -4.87 -7.14 6.37
CA SER A 384 -5.75 -6.08 6.83
C SER A 384 -5.20 -5.60 8.17
N THR A 385 -5.38 -4.33 8.45
CA THR A 385 -4.78 -3.77 9.62
C THR A 385 -5.55 -4.13 10.87
N ASP A 386 -6.76 -4.71 10.74
CA ASP A 386 -7.36 -5.36 11.87
C ASP A 386 -6.81 -6.76 12.13
N GLY A 387 -5.94 -7.27 11.27
CA GLY A 387 -5.36 -8.62 11.40
C GLY A 387 -6.18 -9.82 10.89
N ARG A 388 -7.40 -9.59 10.40
CA ARG A 388 -8.35 -10.62 10.07
C ARG A 388 -8.16 -11.24 8.72
N PHE A 389 -7.56 -10.55 7.74
CA PHE A 389 -7.44 -11.14 6.43
C PHE A 389 -6.03 -11.06 5.89
N LYS A 390 -5.57 -12.15 5.26
CA LYS A 390 -4.21 -12.25 4.71
C LYS A 390 -4.30 -12.90 3.33
N ALA A 391 -3.53 -12.40 2.38
CA ALA A 391 -3.36 -13.04 1.07
C ALA A 391 -2.06 -12.65 0.37
N ARG A 392 -1.64 -13.54 -0.54
CA ARG A 392 -0.61 -13.33 -1.53
C ARG A 392 -1.22 -12.61 -2.72
N LEU A 393 -0.51 -11.65 -3.29
CA LEU A 393 -0.81 -11.11 -4.59
C LEU A 393 -0.38 -12.05 -5.71
N PRO A 394 -0.92 -11.87 -6.93
CA PRO A 394 -0.48 -12.59 -8.09
C PRO A 394 1.05 -12.53 -8.26
N ALA A 395 1.63 -13.67 -8.56
CA ALA A 395 3.07 -13.77 -8.66
C ALA A 395 3.61 -12.91 -9.83
N THR A 396 4.75 -12.27 -9.62
CA THR A 396 5.43 -11.58 -10.72
C THR A 396 6.45 -12.56 -11.23
N ASP A 397 7.08 -12.18 -12.32
CA ASP A 397 8.11 -12.95 -12.98
C ASP A 397 9.52 -12.67 -12.47
N GLY A 398 9.68 -12.31 -11.19
CA GLY A 398 10.98 -11.96 -10.64
C GLY A 398 10.90 -11.82 -9.14
N GLN A 399 11.95 -11.27 -8.51
CA GLN A 399 11.94 -10.94 -7.10
C GLN A 399 11.38 -9.54 -6.94
N VAL A 400 10.39 -9.37 -6.07
CA VAL A 400 9.71 -8.11 -5.93
CA VAL A 400 9.65 -8.13 -5.91
C VAL A 400 9.98 -7.55 -4.57
N LYS A 401 10.35 -6.28 -4.53
CA LYS A 401 10.66 -5.57 -3.27
C LYS A 401 10.14 -4.14 -3.22
N PHE A 402 10.21 -3.51 -2.05
CA PHE A 402 9.91 -2.08 -1.85
C PHE A 402 8.55 -1.64 -2.32
N PRO A 403 7.46 -2.34 -1.89
CA PRO A 403 6.15 -1.84 -2.36
C PRO A 403 5.80 -0.50 -1.70
N ALA A 404 4.99 0.29 -2.41
CA ALA A 404 4.59 1.63 -1.90
C ALA A 404 3.16 1.84 -2.35
N TRP A 405 2.24 2.02 -1.42
CA TRP A 405 0.80 2.09 -1.71
C TRP A 405 0.46 3.54 -2.13
N SER A 406 -0.20 3.74 -3.27
CA SER A 406 -0.50 5.11 -3.74
C SER A 406 -1.37 5.91 -2.78
N PRO A 407 -1.39 7.28 -2.94
CA PRO A 407 -2.48 8.04 -2.35
C PRO A 407 -3.86 7.68 -3.01
N TYR A 408 -4.96 8.24 -2.48
CA TYR A 408 -6.25 8.22 -3.19
C TYR A 408 -6.03 8.68 -4.63
N LEU A 409 -6.68 8.07 -5.61
CA LEU A 409 -6.46 8.51 -7.00
C LEU A 409 -7.81 8.86 -7.59
N GLY B 1 27.89 -4.93 -3.91
CA GLY B 1 26.42 -4.79 -4.14
C GLY B 1 25.93 -3.43 -3.66
N CYS B 2 24.91 -2.91 -4.32
CA CYS B 2 24.24 -1.67 -3.93
C CYS B 2 23.70 -1.76 -2.51
N SER B 3 24.04 -0.78 -1.70
CA SER B 3 23.80 -0.90 -0.27
C SER B 3 23.98 0.48 0.41
N ASP B 4 23.15 0.78 1.43
CA ASP B 4 23.30 2.06 2.18
C ASP B 4 24.42 2.01 3.25
N GLY B 5 25.13 0.90 3.35
CA GLY B 5 26.10 0.71 4.43
C GLY B 5 25.54 0.58 5.85
N SER B 6 24.23 0.57 6.06
CA SER B 6 23.69 0.59 7.45
C SER B 6 23.97 -0.69 8.27
N GLY B 7 24.13 -1.83 7.60
CA GLY B 7 24.22 -3.11 8.28
C GLY B 7 22.84 -3.63 8.70
N TRP B 8 21.76 -2.86 8.51
CA TRP B 8 20.42 -3.30 8.98
C TRP B 8 19.17 -2.83 8.21
N SER B 9 19.20 -1.70 7.50
CA SER B 9 17.95 -1.18 6.90
C SER B 9 17.48 -1.97 5.69
N SER B 10 16.36 -1.50 5.10
CA SER B 10 15.79 -2.03 3.91
C SER B 10 16.61 -1.75 2.66
N GLU B 11 17.51 -0.79 2.72
CA GLU B 11 18.42 -0.49 1.60
C GLU B 11 19.84 -1.04 1.86
N ASN B 12 19.97 -1.87 2.90
CA ASN B 12 21.24 -2.61 3.18
C ASN B 12 21.26 -3.88 2.36
N ASN B 13 22.10 -3.88 1.32
CA ASN B 13 22.22 -5.04 0.42
CA ASN B 13 22.22 -5.06 0.43
C ASN B 13 20.87 -5.74 0.16
N PRO B 14 19.87 -4.97 -0.28
CA PRO B 14 18.57 -5.62 -0.50
C PRO B 14 18.55 -6.67 -1.57
N TRP B 15 19.45 -6.55 -2.53
CA TRP B 15 19.43 -7.45 -3.66
C TRP B 15 20.55 -8.54 -3.60
N GLY B 16 21.06 -8.84 -2.40
CA GLY B 16 22.17 -9.78 -2.20
C GLY B 16 23.47 -9.37 -2.89
CA CA C . 9.50 2.49 4.33
#